data_1H7O
#
_entry.id   1H7O
#
_cell.length_a   102.800
_cell.length_b   102.800
_cell.length_c   168.300
_cell.angle_alpha   90.00
_cell.angle_beta   90.00
_cell.angle_gamma   90.00
#
_symmetry.space_group_name_H-M   'I 4 2 2'
#
loop_
_entity.id
_entity.type
_entity.pdbx_description
1 polymer '5-AMINOLAEVULINIC ACID DEHYDRATASE'
2 non-polymer 'DELTA-AMINO VALERIC ACID'
3 non-polymer 'ZINC ION'
4 water water
#
_entity_poly.entity_id   1
_entity_poly.type   'polypeptide(L)'
_entity_poly.pdbx_seq_one_letter_code
;MHTAEFLETEPTEISSVLAGGYNHPLLRQWQSERQLTKNMLIFPLFISDNPDDFTEIDSLPNINRIGVNRLKDYLKPLVA
KGLRSVILFGVPLIPGTKDPVGTAADDPAGPVIQGIKFIREYFPELYIICDVCLCEYTSHGHCGVLYDDGTINRERSVSR
LAAVAVNYAKAGAHCVAPSDMIDGRIRDIKRGLINANLAHKTFVLSYAAKFSGNLYGPFRDAACSAPSNGDRKCYQLPPA
GRGLARRALERDMSEGADGIIVKPSTFYLDIMRDASEICKDLPICAYHVSGEYAMLHAAAEKGVVDLKTIAFESHQGFLR
AGARLIITYLAPEFLDWLDEE
;
_entity_poly.pdbx_strand_id   A
#
loop_
_chem_comp.id
_chem_comp.type
_chem_comp.name
_chem_comp.formula
DAV non-polymer 'DELTA-AMINO VALERIC ACID' 'C5 H12 N O2 1'
ZN non-polymer 'ZINC ION' 'Zn 2'
#
# COMPACT_ATOMS: atom_id res chain seq x y z
N MET A 1 -5.58 61.87 10.88
CA MET A 1 -6.26 60.59 10.82
C MET A 1 -5.26 59.42 10.74
N HIS A 2 -5.75 58.21 10.43
CA HIS A 2 -4.92 57.02 10.47
C HIS A 2 -4.22 56.80 9.15
N THR A 3 -2.88 56.89 9.15
CA THR A 3 -2.20 56.64 7.88
C THR A 3 -1.29 55.41 8.03
N ALA A 4 -0.83 54.91 6.89
CA ALA A 4 0.08 53.76 6.89
C ALA A 4 1.44 54.13 7.50
N GLU A 5 1.78 53.44 8.60
CA GLU A 5 3.10 53.62 9.19
C GLU A 5 4.06 52.63 8.52
N PHE A 6 5.27 53.08 8.23
CA PHE A 6 6.30 52.23 7.68
C PHE A 6 7.49 52.35 8.62
N LEU A 7 8.00 51.23 9.14
CA LEU A 7 9.16 51.37 9.99
C LEU A 7 10.44 51.50 9.16
N GLU A 8 11.39 52.20 9.74
CA GLU A 8 12.73 52.40 9.21
C GLU A 8 13.46 51.07 9.14
N THR A 9 13.89 50.66 7.96
CA THR A 9 14.46 49.32 7.84
C THR A 9 15.93 49.34 7.43
N GLU A 10 16.59 48.24 7.75
CA GLU A 10 17.98 47.99 7.47
C GLU A 10 18.15 47.48 6.05
N PRO A 11 19.35 47.53 5.51
CA PRO A 11 19.55 46.87 4.20
C PRO A 11 19.19 45.40 4.29
N THR A 12 18.78 44.83 3.16
CA THR A 12 18.41 43.42 3.10
C THR A 12 19.57 42.49 3.43
N GLU A 13 19.36 41.52 4.32
CA GLU A 13 20.44 40.54 4.48
C GLU A 13 20.26 39.40 3.47
N ILE A 14 21.36 38.96 2.91
CA ILE A 14 21.39 37.93 1.87
C ILE A 14 20.75 36.67 2.47
N SER A 15 21.14 36.38 3.70
CA SER A 15 20.59 35.23 4.44
C SER A 15 19.07 35.22 4.43
N SER A 16 18.39 36.37 4.29
CA SER A 16 16.94 36.39 4.29
C SER A 16 16.31 35.96 2.98
N VAL A 17 17.06 36.04 1.89
CA VAL A 17 16.48 35.97 0.56
C VAL A 17 16.42 34.55 -0.03
N LEU A 18 15.24 33.97 0.05
CA LEU A 18 14.94 32.64 -0.47
C LEU A 18 14.28 32.66 -1.84
N ALA A 19 13.62 33.75 -2.18
CA ALA A 19 12.72 33.89 -3.31
C ALA A 19 13.37 33.67 -4.66
N GLY A 20 14.69 33.84 -4.74
CA GLY A 20 15.33 33.62 -6.04
C GLY A 20 15.26 32.17 -6.46
N GLY A 21 14.98 31.25 -5.54
CA GLY A 21 14.88 29.86 -5.94
C GLY A 21 13.50 29.38 -6.32
N TYR A 22 12.43 30.18 -6.21
CA TYR A 22 11.13 29.64 -6.63
C TYR A 22 10.20 30.72 -7.18
N ASN A 23 10.67 31.46 -8.17
CA ASN A 23 9.88 32.52 -8.81
C ASN A 23 9.33 32.15 -10.16
N HIS A 24 9.59 30.94 -10.64
CA HIS A 24 9.16 30.48 -11.95
C HIS A 24 8.62 29.05 -11.90
N PRO A 25 7.65 28.69 -12.73
CA PRO A 25 7.09 27.34 -12.78
C PRO A 25 8.11 26.21 -12.84
N LEU A 26 9.13 26.34 -13.67
CA LEU A 26 10.16 25.31 -13.77
C LEU A 26 10.93 25.15 -12.47
N LEU A 27 11.16 26.23 -11.75
CA LEU A 27 11.85 26.19 -10.46
C LEU A 27 11.10 25.38 -9.42
N ARG A 28 9.77 25.43 -9.42
CA ARG A 28 9.08 24.70 -8.35
C ARG A 28 9.16 23.21 -8.61
N GLN A 29 9.59 22.81 -9.80
CA GLN A 29 10.05 21.48 -10.18
C GLN A 29 11.51 21.22 -9.83
N TRP A 30 12.41 22.16 -10.06
CA TRP A 30 13.80 22.06 -9.64
C TRP A 30 13.92 21.90 -8.12
N GLN A 31 12.89 22.34 -7.41
CA GLN A 31 12.88 22.34 -5.96
C GLN A 31 12.40 21.01 -5.38
N SER A 32 12.05 20.07 -6.25
CA SER A 32 11.53 18.82 -5.64
C SER A 32 12.64 17.80 -5.60
N GLU A 33 12.76 17.09 -4.47
CA GLU A 33 13.89 16.17 -4.41
C GLU A 33 13.57 14.90 -5.20
N ARG A 34 12.29 14.69 -5.51
CA ARG A 34 11.93 13.60 -6.41
C ARG A 34 10.66 13.90 -7.20
N GLN A 35 10.66 13.65 -8.52
CA GLN A 35 9.42 13.89 -9.24
C GLN A 35 8.57 12.63 -9.50
N LEU A 36 7.27 12.85 -9.56
CA LEU A 36 6.36 11.70 -9.75
C LEU A 36 6.50 11.15 -11.15
N THR A 37 6.75 9.85 -11.31
CA THR A 37 6.76 9.28 -12.66
C THR A 37 5.77 8.10 -12.66
N LYS A 38 5.42 7.60 -13.82
CA LYS A 38 4.47 6.49 -13.96
C LYS A 38 4.97 5.21 -13.33
N ASN A 39 6.27 4.94 -13.43
CA ASN A 39 6.71 3.62 -12.93
C ASN A 39 6.74 3.58 -11.41
N MET A 40 6.39 4.68 -10.73
CA MET A 40 6.35 4.72 -9.28
C MET A 40 5.03 4.21 -8.72
N LEU A 41 4.10 4.03 -9.64
CA LEU A 41 2.74 3.72 -9.24
C LEU A 41 2.54 2.21 -9.12
N ILE A 42 1.80 1.89 -8.08
CA ILE A 42 1.35 0.51 -7.87
C ILE A 42 -0.16 0.49 -7.70
N PHE A 43 -0.86 -0.26 -8.54
CA PHE A 43 -2.32 -0.28 -8.50
C PHE A 43 -2.90 -1.52 -7.84
N PRO A 44 -3.70 -1.36 -6.82
CA PRO A 44 -4.33 -2.54 -6.21
C PRO A 44 -5.43 -3.14 -7.09
N LEU A 45 -5.50 -4.46 -7.09
CA LEU A 45 -6.52 -5.27 -7.73
C LEU A 45 -7.21 -6.15 -6.68
N PHE A 46 -8.52 -6.19 -6.65
CA PHE A 46 -9.23 -7.09 -5.76
C PHE A 46 -9.88 -8.21 -6.59
N ILE A 47 -9.33 -9.39 -6.49
CA ILE A 47 -9.65 -10.54 -7.33
C ILE A 47 -10.68 -11.46 -6.67
N SER A 48 -11.76 -11.68 -7.41
CA SER A 48 -12.91 -12.45 -6.99
C SER A 48 -12.76 -13.92 -7.34
N ASP A 49 -13.38 -14.80 -6.55
CA ASP A 49 -13.35 -16.20 -7.01
C ASP A 49 -14.47 -16.40 -8.02
N ASN A 50 -15.43 -15.48 -8.09
CA ASN A 50 -16.34 -15.49 -9.25
C ASN A 50 -15.59 -14.93 -10.46
N PRO A 51 -15.24 -15.76 -11.43
CA PRO A 51 -14.40 -15.30 -12.53
C PRO A 51 -15.13 -14.31 -13.43
N ASP A 52 -16.44 -14.18 -13.27
CA ASP A 52 -17.15 -13.21 -14.10
C ASP A 52 -17.45 -11.92 -13.35
N ASP A 53 -16.96 -11.79 -12.13
CA ASP A 53 -17.14 -10.63 -11.28
C ASP A 53 -16.54 -9.35 -11.88
N PHE A 54 -17.24 -8.25 -11.72
CA PHE A 54 -16.88 -6.86 -11.96
C PHE A 54 -17.87 -5.96 -11.21
N THR A 55 -17.84 -6.10 -9.89
CA THR A 55 -18.71 -5.52 -8.90
C THR A 55 -18.13 -4.29 -8.20
N GLU A 56 -18.87 -3.20 -8.23
CA GLU A 56 -18.56 -1.98 -7.54
C GLU A 56 -18.43 -2.20 -6.04
N ILE A 57 -17.38 -1.65 -5.46
CA ILE A 57 -17.21 -1.59 -4.02
C ILE A 57 -17.65 -0.22 -3.54
N ASP A 58 -18.95 -0.04 -3.37
CA ASP A 58 -19.63 1.22 -3.11
C ASP A 58 -18.87 2.17 -2.18
N SER A 59 -18.12 1.63 -1.24
CA SER A 59 -17.33 2.41 -0.29
C SER A 59 -16.01 2.89 -0.86
N LEU A 60 -15.64 2.44 -2.04
CA LEU A 60 -14.38 2.71 -2.70
C LEU A 60 -14.59 3.16 -4.14
N PRO A 61 -14.83 4.46 -4.29
CA PRO A 61 -15.23 5.08 -5.54
C PRO A 61 -14.34 4.69 -6.72
N ASN A 62 -14.99 4.28 -7.81
CA ASN A 62 -14.40 3.82 -9.05
C ASN A 62 -13.60 2.52 -8.94
N ILE A 63 -13.75 1.70 -7.91
CA ILE A 63 -12.94 0.47 -7.91
C ILE A 63 -13.81 -0.77 -7.73
N ASN A 64 -13.44 -1.83 -8.45
CA ASN A 64 -14.32 -2.99 -8.42
C ASN A 64 -13.63 -4.28 -8.01
N ARG A 65 -14.44 -5.23 -7.59
CA ARG A 65 -14.02 -6.62 -7.44
C ARG A 65 -14.15 -7.31 -8.79
N ILE A 66 -13.03 -7.72 -9.36
CA ILE A 66 -12.89 -8.31 -10.68
C ILE A 66 -12.51 -9.78 -10.63
N GLY A 67 -13.04 -10.57 -11.58
CA GLY A 67 -12.67 -11.98 -11.72
C GLY A 67 -11.73 -12.16 -12.88
N VAL A 68 -11.11 -13.33 -13.03
CA VAL A 68 -10.03 -13.48 -13.99
C VAL A 68 -10.48 -13.32 -15.42
N ASN A 69 -11.72 -13.69 -15.73
CA ASN A 69 -12.21 -13.54 -17.10
C ASN A 69 -12.40 -12.07 -17.48
N ARG A 70 -12.55 -11.20 -16.48
CA ARG A 70 -12.70 -9.78 -16.80
C ARG A 70 -11.42 -8.97 -16.63
N LEU A 71 -10.34 -9.56 -16.14
CA LEU A 71 -9.09 -8.87 -15.86
C LEU A 71 -8.37 -8.39 -17.11
N LYS A 72 -8.30 -9.23 -18.16
CA LYS A 72 -7.57 -8.87 -19.36
C LYS A 72 -8.03 -7.54 -19.95
N ASP A 73 -9.34 -7.37 -20.04
CA ASP A 73 -9.93 -6.18 -20.64
C ASP A 73 -9.79 -4.97 -19.73
N TYR A 74 -9.69 -5.22 -18.43
CA TYR A 74 -9.44 -4.16 -17.46
C TYR A 74 -7.99 -3.66 -17.50
N LEU A 75 -7.05 -4.59 -17.48
CA LEU A 75 -5.64 -4.27 -17.37
C LEU A 75 -5.03 -3.82 -18.69
N LYS A 76 -5.64 -4.24 -19.80
CA LYS A 76 -5.06 -3.90 -21.10
C LYS A 76 -4.89 -2.40 -21.28
N PRO A 77 -5.91 -1.59 -21.07
CA PRO A 77 -5.71 -0.15 -21.29
C PRO A 77 -4.69 0.40 -20.29
N LEU A 78 -4.73 -0.09 -19.06
CA LEU A 78 -3.85 0.39 -17.99
C LEU A 78 -2.40 0.18 -18.36
N VAL A 79 -2.10 -1.04 -18.79
CA VAL A 79 -0.71 -1.32 -19.20
C VAL A 79 -0.32 -0.44 -20.36
N ALA A 80 -1.24 -0.17 -21.28
CA ALA A 80 -0.93 0.65 -22.43
C ALA A 80 -0.64 2.10 -22.05
N LYS A 81 -1.17 2.52 -20.91
CA LYS A 81 -0.92 3.89 -20.46
C LYS A 81 0.33 3.93 -19.58
N GLY A 82 0.98 2.78 -19.39
CA GLY A 82 2.23 2.74 -18.68
C GLY A 82 2.25 2.05 -17.32
N LEU A 83 1.15 1.44 -16.91
CA LEU A 83 1.15 0.78 -15.59
C LEU A 83 2.19 -0.33 -15.54
N ARG A 84 3.04 -0.29 -14.51
CA ARG A 84 4.12 -1.26 -14.39
C ARG A 84 3.92 -2.26 -13.25
N SER A 85 3.03 -1.99 -12.31
CA SER A 85 2.91 -2.79 -11.10
C SER A 85 1.49 -2.84 -10.55
N VAL A 86 1.15 -4.02 -10.06
CA VAL A 86 -0.07 -4.34 -9.36
C VAL A 86 0.22 -5.07 -8.05
N ILE A 87 -0.65 -4.82 -7.09
CA ILE A 87 -0.72 -5.46 -5.79
C ILE A 87 -2.07 -6.17 -5.66
N LEU A 88 -1.96 -7.51 -5.61
CA LEU A 88 -3.13 -8.37 -5.56
C LEU A 88 -3.64 -8.64 -4.15
N PHE A 89 -4.95 -8.52 -4.03
CA PHE A 89 -5.74 -8.94 -2.89
C PHE A 89 -6.84 -9.91 -3.38
N GLY A 90 -6.99 -11.05 -2.71
CA GLY A 90 -8.06 -11.95 -3.12
C GLY A 90 -9.28 -11.77 -2.25
N VAL A 91 -10.46 -11.91 -2.88
CA VAL A 91 -11.73 -11.83 -2.17
C VAL A 91 -12.58 -13.06 -2.51
N PRO A 92 -12.34 -14.16 -1.82
CA PRO A 92 -13.06 -15.40 -2.14
C PRO A 92 -14.43 -15.41 -1.47
N LEU A 93 -15.49 -15.53 -2.27
CA LEU A 93 -16.83 -15.41 -1.69
C LEU A 93 -17.55 -16.75 -1.61
N ILE A 94 -17.04 -17.73 -2.36
CA ILE A 94 -17.62 -19.07 -2.32
C ILE A 94 -17.62 -19.56 -0.88
N PRO A 95 -18.79 -19.93 -0.39
CA PRO A 95 -18.99 -20.34 1.00
C PRO A 95 -18.12 -21.52 1.41
N GLY A 96 -17.77 -21.58 2.68
CA GLY A 96 -16.97 -22.70 3.19
C GLY A 96 -15.50 -22.60 2.88
N THR A 97 -15.07 -21.46 2.37
CA THR A 97 -13.67 -21.14 2.07
C THR A 97 -12.90 -20.83 3.35
N LYS A 98 -13.39 -19.85 4.10
CA LYS A 98 -12.83 -19.32 5.33
C LYS A 98 -12.76 -20.34 6.45
N ASP A 99 -11.58 -20.45 7.07
CA ASP A 99 -11.43 -21.35 8.21
C ASP A 99 -10.44 -20.74 9.20
N PRO A 100 -10.48 -21.17 10.46
CA PRO A 100 -9.64 -20.59 11.50
C PRO A 100 -8.17 -20.39 11.13
N VAL A 101 -7.62 -21.14 10.18
CA VAL A 101 -6.19 -20.93 9.93
C VAL A 101 -5.93 -20.33 8.57
N GLY A 102 -6.92 -19.74 7.92
CA GLY A 102 -6.66 -19.17 6.60
C GLY A 102 -6.21 -20.17 5.56
N THR A 103 -6.73 -21.39 5.55
CA THR A 103 -6.35 -22.40 4.57
C THR A 103 -6.35 -21.97 3.11
N ALA A 104 -7.37 -21.21 2.72
CA ALA A 104 -7.54 -20.84 1.32
C ALA A 104 -6.61 -19.69 0.90
N ALA A 105 -5.91 -19.06 1.85
CA ALA A 105 -4.97 -17.98 1.47
C ALA A 105 -4.06 -18.40 0.34
N ASP A 106 -3.54 -19.63 0.36
CA ASP A 106 -2.68 -20.09 -0.72
C ASP A 106 -3.24 -21.31 -1.48
N ASP A 107 -4.54 -21.35 -1.57
CA ASP A 107 -5.26 -22.30 -2.44
C ASP A 107 -4.91 -22.00 -3.90
N PRO A 108 -4.25 -22.96 -4.54
CA PRO A 108 -3.87 -22.84 -5.94
C PRO A 108 -5.06 -22.54 -6.85
N ALA A 109 -6.27 -22.91 -6.44
CA ALA A 109 -7.46 -22.59 -7.22
C ALA A 109 -8.01 -21.24 -6.81
N GLY A 110 -7.38 -20.57 -5.85
CA GLY A 110 -7.91 -19.35 -5.25
C GLY A 110 -7.67 -18.11 -6.09
N PRO A 111 -8.38 -17.02 -5.79
CA PRO A 111 -8.29 -15.83 -6.66
C PRO A 111 -6.86 -15.33 -6.82
N VAL A 112 -6.06 -15.22 -5.76
CA VAL A 112 -4.70 -14.70 -5.88
C VAL A 112 -3.82 -15.50 -6.82
N ILE A 113 -3.68 -16.81 -6.56
CA ILE A 113 -2.78 -17.56 -7.43
C ILE A 113 -3.31 -17.65 -8.86
N GLN A 114 -4.63 -17.72 -9.03
CA GLN A 114 -5.16 -17.70 -10.40
C GLN A 114 -4.81 -16.35 -11.03
N GLY A 115 -4.98 -15.31 -10.21
CA GLY A 115 -4.63 -13.97 -10.70
C GLY A 115 -3.18 -13.92 -11.12
N ILE A 116 -2.29 -14.50 -10.31
CA ILE A 116 -0.86 -14.50 -10.63
C ILE A 116 -0.59 -15.21 -11.95
N LYS A 117 -1.20 -16.39 -12.09
CA LYS A 117 -1.02 -17.11 -13.35
C LYS A 117 -1.60 -16.37 -14.54
N PHE A 118 -2.73 -15.66 -14.37
CA PHE A 118 -3.31 -14.97 -15.51
C PHE A 118 -2.42 -13.85 -16.01
N ILE A 119 -2.05 -13.03 -15.02
CA ILE A 119 -1.21 -11.85 -15.28
C ILE A 119 0.14 -12.28 -15.82
N ARG A 120 0.75 -13.35 -15.31
CA ARG A 120 2.04 -13.75 -15.88
C ARG A 120 1.88 -14.17 -17.33
N GLU A 121 0.73 -14.79 -17.63
CA GLU A 121 0.51 -15.26 -19.00
C GLU A 121 0.20 -14.11 -19.95
N TYR A 122 -0.78 -13.28 -19.57
CA TYR A 122 -1.28 -12.25 -20.45
C TYR A 122 -0.54 -10.92 -20.37
N PHE A 123 0.08 -10.60 -19.24
CA PHE A 123 0.86 -9.38 -19.13
C PHE A 123 2.23 -9.62 -18.51
N PRO A 124 3.08 -10.34 -19.22
CA PRO A 124 4.33 -10.86 -18.69
C PRO A 124 5.30 -9.77 -18.24
N GLU A 125 5.05 -8.51 -18.60
CA GLU A 125 5.98 -7.46 -18.24
C GLU A 125 5.50 -6.68 -17.01
N LEU A 126 4.33 -7.07 -16.51
CA LEU A 126 3.70 -6.53 -15.32
C LEU A 126 4.40 -7.07 -14.08
N TYR A 127 4.79 -6.19 -13.16
CA TYR A 127 5.41 -6.59 -11.89
C TYR A 127 4.35 -6.92 -10.86
N ILE A 128 4.29 -8.17 -10.41
CA ILE A 128 3.21 -8.59 -9.53
C ILE A 128 3.58 -8.63 -8.07
N ILE A 129 2.88 -7.86 -7.26
CA ILE A 129 2.97 -7.83 -5.81
C ILE A 129 1.70 -8.46 -5.22
N CYS A 130 1.92 -9.35 -4.26
CA CYS A 130 0.81 -9.90 -3.50
C CYS A 130 0.82 -9.51 -2.03
N ASP A 131 -0.27 -8.89 -1.61
CA ASP A 131 -0.53 -8.77 -0.18
C ASP A 131 -0.48 -10.13 0.49
N VAL A 132 0.27 -10.24 1.58
CA VAL A 132 0.33 -11.49 2.34
C VAL A 132 -0.28 -11.28 3.71
N CYS A 133 -1.41 -11.95 3.91
CA CYS A 133 -2.06 -11.96 5.21
C CYS A 133 -3.12 -13.05 5.26
N LEU A 134 -3.73 -13.21 6.42
CA LEU A 134 -4.78 -14.21 6.58
C LEU A 134 -6.15 -13.59 6.80
N CYS A 135 -6.25 -12.27 6.98
CA CYS A 135 -7.55 -11.72 7.37
C CYS A 135 -8.61 -11.92 6.31
N GLU A 136 -8.29 -12.02 5.02
CA GLU A 136 -9.40 -12.22 4.08
C GLU A 136 -9.81 -13.69 4.01
N TYR A 137 -9.12 -14.56 4.73
CA TYR A 137 -9.27 -16.00 4.56
C TYR A 137 -9.67 -16.73 5.82
N THR A 138 -9.71 -16.00 6.92
CA THR A 138 -9.99 -16.58 8.23
C THR A 138 -11.47 -16.49 8.56
N SER A 139 -11.93 -17.20 9.59
CA SER A 139 -13.36 -17.03 9.92
C SER A 139 -13.53 -15.78 10.80
N HIS A 140 -12.62 -15.57 11.74
CA HIS A 140 -12.74 -14.47 12.69
C HIS A 140 -12.38 -13.10 12.11
N GLY A 141 -11.83 -13.03 10.90
CA GLY A 141 -11.49 -11.77 10.28
C GLY A 141 -10.18 -11.15 10.75
N HIS A 142 -9.47 -11.81 11.64
CA HIS A 142 -8.18 -11.34 12.16
C HIS A 142 -7.05 -11.69 11.20
N CYS A 143 -5.95 -10.95 11.33
CA CYS A 143 -4.82 -11.10 10.41
C CYS A 143 -3.96 -12.33 10.64
N GLY A 144 -4.12 -13.03 11.76
CA GLY A 144 -3.31 -14.23 11.96
C GLY A 144 -4.12 -15.38 12.55
N VAL A 145 -3.40 -16.39 13.03
CA VAL A 145 -3.97 -17.56 13.71
C VAL A 145 -4.05 -17.27 15.21
N LEU A 146 -5.21 -17.52 15.81
CA LEU A 146 -5.38 -17.06 17.20
C LEU A 146 -5.36 -18.21 18.21
N TYR A 147 -4.87 -17.91 19.41
CA TYR A 147 -5.00 -18.80 20.55
C TYR A 147 -6.49 -18.93 20.88
N ASP A 148 -6.85 -19.66 21.93
CA ASP A 148 -8.27 -19.78 22.27
C ASP A 148 -8.87 -18.52 22.89
N ASP A 149 -8.08 -17.72 23.59
CA ASP A 149 -8.63 -16.50 24.17
C ASP A 149 -8.83 -15.42 23.13
N GLY A 150 -8.56 -15.73 21.85
CA GLY A 150 -8.77 -14.74 20.81
C GLY A 150 -7.60 -13.81 20.60
N THR A 151 -6.49 -14.00 21.34
CA THR A 151 -5.33 -13.17 21.03
C THR A 151 -4.61 -13.82 19.85
N ILE A 152 -3.67 -13.08 19.25
CA ILE A 152 -2.93 -13.66 18.12
C ILE A 152 -1.94 -14.71 18.63
N ASN A 153 -1.78 -15.80 17.90
CA ASN A 153 -0.73 -16.77 18.12
C ASN A 153 0.47 -16.46 17.23
N ARG A 154 1.53 -15.89 17.80
CA ARG A 154 2.63 -15.42 16.96
C ARG A 154 3.23 -16.57 16.17
N GLU A 155 3.53 -17.68 16.82
CA GLU A 155 4.27 -18.74 16.18
C GLU A 155 3.53 -19.42 15.05
N ARG A 156 2.28 -19.84 15.29
CA ARG A 156 1.58 -20.50 14.18
C ARG A 156 1.26 -19.49 13.08
N SER A 157 0.94 -18.27 13.49
CA SER A 157 0.58 -17.23 12.56
C SER A 157 1.70 -16.99 11.56
N VAL A 158 2.88 -16.76 12.11
CA VAL A 158 4.05 -16.48 11.27
C VAL A 158 4.46 -17.71 10.50
N SER A 159 4.31 -18.90 11.09
CA SER A 159 4.59 -20.15 10.36
C SER A 159 3.65 -20.31 9.18
N ARG A 160 2.38 -19.94 9.39
CA ARG A 160 1.39 -19.95 8.31
C ARG A 160 1.70 -18.88 7.28
N LEU A 161 2.06 -17.68 7.74
CA LEU A 161 2.29 -16.59 6.76
C LEU A 161 3.47 -16.89 5.86
N ALA A 162 4.52 -17.47 6.44
CA ALA A 162 5.74 -17.76 5.69
C ALA A 162 5.35 -18.69 4.54
N ALA A 163 4.44 -19.60 4.90
CA ALA A 163 4.01 -20.59 3.91
C ALA A 163 3.26 -19.95 2.75
N VAL A 164 2.32 -19.06 3.09
CA VAL A 164 1.51 -18.38 2.08
C VAL A 164 2.40 -17.56 1.15
N ALA A 165 3.30 -16.78 1.76
CA ALA A 165 4.20 -15.94 0.95
C ALA A 165 5.05 -16.75 -0.01
N VAL A 166 5.67 -17.83 0.47
CA VAL A 166 6.49 -18.64 -0.40
C VAL A 166 5.63 -19.25 -1.50
N ASN A 167 4.41 -19.66 -1.11
CA ASN A 167 3.53 -20.26 -2.12
C ASN A 167 3.15 -19.25 -3.18
N TYR A 168 2.90 -17.99 -2.80
CA TYR A 168 2.69 -17.00 -3.86
C TYR A 168 3.90 -16.90 -4.77
N ALA A 169 5.10 -16.79 -4.17
CA ALA A 169 6.30 -16.72 -4.98
C ALA A 169 6.45 -17.98 -5.84
N LYS A 170 6.07 -19.14 -5.30
CA LYS A 170 6.19 -20.36 -6.12
C LYS A 170 5.26 -20.28 -7.32
N ALA A 171 4.11 -19.64 -7.15
CA ALA A 171 3.11 -19.46 -8.19
C ALA A 171 3.56 -18.45 -9.24
N GLY A 172 4.41 -17.48 -8.91
CA GLY A 172 4.95 -16.56 -9.89
C GLY A 172 4.92 -15.10 -9.45
N ALA A 173 4.52 -14.86 -8.22
CA ALA A 173 4.58 -13.49 -7.70
C ALA A 173 6.04 -13.04 -7.66
N HIS A 174 6.27 -11.80 -8.08
CA HIS A 174 7.61 -11.22 -8.02
C HIS A 174 7.91 -10.64 -6.65
N CYS A 175 6.84 -10.21 -6.00
CA CYS A 175 7.00 -9.57 -4.68
C CYS A 175 5.90 -9.93 -3.70
N VAL A 176 6.27 -10.14 -2.44
CA VAL A 176 5.37 -10.40 -1.34
C VAL A 176 5.40 -9.20 -0.38
N ALA A 177 4.22 -8.80 -0.01
CA ALA A 177 3.97 -7.65 0.88
C ALA A 177 3.17 -8.06 2.10
N PRO A 178 3.82 -8.54 3.15
CA PRO A 178 3.11 -9.00 4.36
C PRO A 178 2.50 -7.85 5.12
N SER A 179 1.18 -7.84 5.30
CA SER A 179 0.49 -6.72 5.94
C SER A 179 -0.06 -7.03 7.32
N ASP A 180 0.43 -8.09 7.94
CA ASP A 180 -0.08 -8.61 9.20
C ASP A 180 0.39 -7.91 10.46
N MET A 181 1.60 -7.34 10.43
CA MET A 181 2.14 -6.62 11.57
C MET A 181 2.38 -7.52 12.77
N ILE A 182 2.46 -8.83 12.55
CA ILE A 182 2.75 -9.75 13.65
C ILE A 182 4.26 -9.91 13.82
N ASP A 183 4.73 -9.77 15.04
CA ASP A 183 6.14 -9.75 15.43
C ASP A 183 6.96 -10.85 14.78
N GLY A 184 8.04 -10.49 14.09
CA GLY A 184 8.98 -11.41 13.50
C GLY A 184 8.52 -12.08 12.22
N ARG A 185 7.39 -11.67 11.64
CA ARG A 185 6.99 -12.44 10.45
C ARG A 185 7.95 -12.24 9.29
N ILE A 186 8.63 -11.09 9.19
CA ILE A 186 9.55 -10.97 8.06
C ILE A 186 10.72 -11.94 8.09
N ARG A 187 11.29 -12.20 9.25
CA ARG A 187 12.35 -13.20 9.39
C ARG A 187 11.90 -14.56 8.81
N ASP A 188 10.73 -15.00 9.22
CA ASP A 188 10.27 -16.33 8.79
C ASP A 188 9.93 -16.39 7.32
N ILE A 189 9.28 -15.33 6.82
CA ILE A 189 9.06 -15.27 5.38
C ILE A 189 10.37 -15.28 4.63
N LYS A 190 11.36 -14.47 5.01
CA LYS A 190 12.65 -14.46 4.34
C LYS A 190 13.28 -15.86 4.37
N ARG A 191 13.25 -16.47 5.55
CA ARG A 191 13.86 -17.79 5.76
C ARG A 191 13.12 -18.80 4.87
N GLY A 192 11.78 -18.73 4.83
CA GLY A 192 11.08 -19.61 3.91
C GLY A 192 11.46 -19.39 2.46
N LEU A 193 11.68 -18.15 2.00
CA LEU A 193 12.01 -17.96 0.58
C LEU A 193 13.41 -18.48 0.30
N ILE A 194 14.28 -18.36 1.31
CA ILE A 194 15.64 -18.84 1.18
C ILE A 194 15.60 -20.38 1.06
N ASN A 195 14.86 -21.01 1.97
CA ASN A 195 14.75 -22.48 1.91
C ASN A 195 14.12 -22.95 0.61
N ALA A 196 13.24 -22.17 -0.01
CA ALA A 196 12.59 -22.55 -1.26
C ALA A 196 13.37 -22.07 -2.47
N ASN A 197 14.60 -21.58 -2.24
CA ASN A 197 15.38 -21.11 -3.39
C ASN A 197 14.69 -20.00 -4.16
N LEU A 198 13.99 -19.07 -3.48
CA LEU A 198 13.35 -17.98 -4.18
C LEU A 198 13.74 -16.59 -3.65
N ALA A 199 14.65 -16.57 -2.69
CA ALA A 199 14.97 -15.30 -2.02
C ALA A 199 15.70 -14.36 -2.98
N HIS A 200 16.31 -14.95 -3.99
CA HIS A 200 17.10 -14.17 -4.94
C HIS A 200 16.20 -13.57 -6.00
N LYS A 201 14.93 -13.99 -6.06
CA LYS A 201 14.11 -13.29 -7.06
C LYS A 201 12.80 -12.79 -6.49
N THR A 202 12.65 -12.81 -5.17
CA THR A 202 11.42 -12.33 -4.56
C THR A 202 11.71 -11.11 -3.67
N PHE A 203 11.11 -9.96 -4.02
CA PHE A 203 11.24 -8.75 -3.21
C PHE A 203 10.28 -8.86 -2.03
N VAL A 204 10.79 -8.65 -0.84
CA VAL A 204 10.00 -8.59 0.37
C VAL A 204 9.74 -7.11 0.71
N LEU A 205 8.49 -6.78 0.47
CA LEU A 205 8.01 -5.40 0.69
C LEU A 205 7.17 -5.39 1.95
N SER A 206 7.81 -5.07 3.09
CA SER A 206 7.09 -5.18 4.35
C SER A 206 6.25 -3.97 4.71
N TYR A 207 4.99 -4.22 5.07
CA TYR A 207 4.22 -3.16 5.73
C TYR A 207 4.85 -2.98 7.11
N ALA A 208 5.98 -2.25 7.18
CA ALA A 208 6.68 -2.30 8.47
C ALA A 208 6.04 -1.33 9.45
N ALA A 209 5.45 -0.26 8.89
CA ALA A 209 4.79 0.72 9.75
C ALA A 209 3.35 0.87 9.32
N LYS A 210 2.52 -0.08 9.74
CA LYS A 210 1.10 -0.01 9.39
C LYS A 210 0.34 0.32 10.68
N PHE A 211 -0.40 1.42 10.70
CA PHE A 211 -1.02 1.96 11.88
C PHE A 211 -2.51 1.62 11.95
N SER A 212 -2.99 1.51 13.18
CA SER A 212 -4.41 1.37 13.47
C SER A 212 -5.12 2.72 13.36
N GLY A 213 -6.39 2.70 12.94
CA GLY A 213 -7.16 3.92 12.96
C GLY A 213 -8.40 3.92 12.10
N ASN A 214 -8.88 5.13 11.83
CA ASN A 214 -10.19 5.36 11.24
C ASN A 214 -10.17 5.44 9.72
N LEU A 215 -9.05 5.12 9.08
CA LEU A 215 -8.94 5.31 7.64
C LEU A 215 -9.05 4.06 6.79
N TYR A 216 -9.42 2.91 7.37
CA TYR A 216 -9.48 1.66 6.61
C TYR A 216 -10.82 1.30 6.02
N GLY A 217 -11.84 2.09 6.33
CA GLY A 217 -13.22 1.86 6.03
C GLY A 217 -13.54 1.16 4.73
N PRO A 218 -13.51 1.93 3.64
CA PRO A 218 -13.88 1.45 2.31
C PRO A 218 -13.25 0.11 1.90
N PHE A 219 -12.08 -0.25 2.41
CA PHE A 219 -11.36 -1.47 2.09
C PHE A 219 -12.06 -2.74 2.55
N ARG A 220 -12.45 -2.75 3.82
CA ARG A 220 -13.03 -3.90 4.49
C ARG A 220 -14.19 -4.50 3.69
N ASP A 221 -14.89 -3.64 2.96
CA ASP A 221 -15.96 -3.97 2.06
C ASP A 221 -15.41 -4.58 0.77
N ALA A 222 -14.42 -3.89 0.23
CA ALA A 222 -13.67 -4.27 -0.95
C ALA A 222 -13.04 -5.65 -0.79
N ALA A 223 -12.79 -6.01 0.46
CA ALA A 223 -12.13 -7.28 0.76
C ALA A 223 -12.97 -8.16 1.70
N CYS A 224 -14.10 -7.67 2.15
CA CYS A 224 -14.99 -8.39 3.07
C CYS A 224 -14.21 -8.86 4.29
N SER A 225 -13.24 -8.04 4.67
CA SER A 225 -12.25 -8.29 5.71
C SER A 225 -12.66 -7.69 7.04
N ALA A 226 -13.96 -7.51 7.26
CA ALA A 226 -14.43 -6.98 8.52
C ALA A 226 -14.11 -7.96 9.65
N PRO A 227 -13.44 -7.46 10.70
CA PRO A 227 -13.06 -8.31 11.82
C PRO A 227 -14.26 -8.99 12.49
N SER A 228 -13.90 -10.01 13.27
CA SER A 228 -14.75 -10.73 14.18
C SER A 228 -13.91 -10.97 15.45
N ASN A 229 -14.43 -10.49 16.57
CA ASN A 229 -13.80 -10.51 17.88
C ASN A 229 -12.88 -9.30 18.07
N GLY A 230 -13.44 -8.19 18.54
CA GLY A 230 -12.71 -7.00 18.90
C GLY A 230 -11.99 -6.29 17.77
N ASP A 231 -10.89 -5.63 18.10
CA ASP A 231 -10.12 -4.76 17.22
C ASP A 231 -8.69 -5.23 16.99
N ARG A 232 -8.06 -4.63 15.99
CA ARG A 232 -6.69 -4.94 15.58
C ARG A 232 -5.68 -3.97 16.18
N LYS A 233 -5.93 -3.50 17.41
CA LYS A 233 -5.03 -2.56 18.06
C LYS A 233 -3.89 -3.28 18.78
N CYS A 234 -3.99 -4.60 18.90
CA CYS A 234 -2.90 -5.27 19.61
C CYS A 234 -1.76 -5.60 18.65
N TYR A 235 -1.99 -5.46 17.32
CA TYR A 235 -0.82 -5.60 16.45
C TYR A 235 -0.70 -4.42 15.49
N GLN A 236 -1.79 -3.81 15.05
CA GLN A 236 -1.63 -2.59 14.25
C GLN A 236 -1.01 -1.53 15.15
N LEU A 237 -0.11 -0.69 14.62
CA LEU A 237 0.47 0.29 15.55
C LEU A 237 -0.54 1.36 15.93
N PRO A 238 -0.42 1.79 17.17
CA PRO A 238 -1.23 2.90 17.67
C PRO A 238 -0.72 4.21 17.03
N PRO A 239 -1.65 5.00 16.54
CA PRO A 239 -1.38 6.30 15.92
C PRO A 239 -0.29 7.13 16.57
N ALA A 240 -0.16 7.24 17.88
CA ALA A 240 0.91 8.00 18.50
C ALA A 240 2.22 7.21 18.61
N GLY A 241 2.29 5.95 18.18
CA GLY A 241 3.49 5.17 18.50
C GLY A 241 4.66 5.41 17.57
N ARG A 242 5.24 6.62 17.61
CA ARG A 242 6.38 6.85 16.73
C ARG A 242 7.55 5.94 17.08
N GLY A 243 7.83 5.74 18.35
CA GLY A 243 8.94 4.92 18.82
C GLY A 243 8.78 3.47 18.33
N LEU A 244 7.57 2.96 18.48
CA LEU A 244 7.28 1.60 18.02
C LEU A 244 7.44 1.51 16.53
N ALA A 245 6.90 2.49 15.79
CA ALA A 245 7.15 2.51 14.35
C ALA A 245 8.61 2.54 13.97
N ARG A 246 9.45 3.36 14.61
CA ARG A 246 10.88 3.38 14.31
C ARG A 246 11.52 2.01 14.57
N ARG A 247 11.15 1.36 15.67
CA ARG A 247 11.71 0.06 16.00
C ARG A 247 11.27 -1.02 15.02
N ALA A 248 10.04 -0.95 14.54
CA ALA A 248 9.46 -1.87 13.56
C ALA A 248 10.15 -1.69 12.24
N LEU A 249 10.49 -0.45 11.88
CA LEU A 249 11.25 -0.24 10.63
C LEU A 249 12.60 -0.91 10.68
N GLU A 250 13.33 -0.73 11.76
CA GLU A 250 14.67 -1.27 11.99
C GLU A 250 14.60 -2.81 12.00
N ARG A 251 13.60 -3.28 12.73
CA ARG A 251 13.42 -4.73 12.83
C ARG A 251 13.18 -5.36 11.47
N ASP A 252 12.20 -4.89 10.71
CA ASP A 252 11.90 -5.55 9.43
C ASP A 252 13.04 -5.43 8.46
N MET A 253 13.79 -4.32 8.49
CA MET A 253 14.96 -4.24 7.63
C MET A 253 15.99 -5.30 8.07
N SER A 254 16.14 -5.55 9.35
CA SER A 254 17.12 -6.49 9.85
C SER A 254 16.72 -7.94 9.51
N GLU A 255 15.42 -8.14 9.47
CA GLU A 255 14.84 -9.46 9.19
C GLU A 255 14.72 -9.74 7.70
N GLY A 256 15.14 -8.84 6.81
CA GLY A 256 15.21 -9.14 5.40
C GLY A 256 14.33 -8.33 4.47
N ALA A 257 13.61 -7.33 4.94
CA ALA A 257 12.80 -6.55 4.00
C ALA A 257 13.70 -5.90 2.97
N ASP A 258 13.34 -5.98 1.69
CA ASP A 258 14.01 -5.26 0.61
C ASP A 258 13.46 -3.85 0.41
N GLY A 259 12.29 -3.63 0.99
CA GLY A 259 11.56 -2.38 0.87
C GLY A 259 10.55 -2.25 1.98
N ILE A 260 10.04 -1.03 2.23
CA ILE A 260 9.03 -0.94 3.28
C ILE A 260 7.87 -0.06 2.81
N ILE A 261 6.72 -0.33 3.41
CA ILE A 261 5.50 0.41 3.17
C ILE A 261 5.09 1.12 4.45
N VAL A 262 4.66 2.37 4.37
CA VAL A 262 4.07 3.11 5.47
C VAL A 262 2.58 3.25 5.14
N LYS A 263 1.73 2.86 6.08
CA LYS A 263 0.28 2.85 5.81
C LYS A 263 -0.46 3.25 7.07
N PRO A 264 -1.39 4.18 7.06
CA PRO A 264 -1.76 5.02 5.93
C PRO A 264 -0.64 6.00 5.55
N SER A 265 -0.88 6.96 4.66
CA SER A 265 0.16 7.80 4.04
C SER A 265 0.08 9.27 4.45
N THR A 266 -0.84 10.03 3.86
CA THR A 266 -1.02 11.43 4.24
C THR A 266 -1.06 11.68 5.73
N PHE A 267 -1.83 10.93 6.51
CA PHE A 267 -1.87 11.15 7.95
C PHE A 267 -0.64 10.69 8.71
N TYR A 268 0.30 10.04 8.04
CA TYR A 268 1.52 9.52 8.63
C TYR A 268 2.76 9.97 7.90
N LEU A 269 2.74 11.16 7.25
CA LEU A 269 3.93 11.56 6.49
C LEU A 269 5.19 11.68 7.34
N ASP A 270 5.06 12.05 8.61
CA ASP A 270 6.24 12.17 9.46
C ASP A 270 6.94 10.82 9.64
N ILE A 271 6.13 9.75 9.60
CA ILE A 271 6.70 8.39 9.74
C ILE A 271 7.46 8.02 8.49
N MET A 272 6.99 8.49 7.32
CA MET A 272 7.74 8.34 6.08
C MET A 272 9.09 9.03 6.15
N ARG A 273 9.12 10.24 6.73
CA ARG A 273 10.40 10.93 6.92
C ARG A 273 11.30 10.17 7.87
N ASP A 274 10.74 9.63 8.96
CA ASP A 274 11.47 8.80 9.90
C ASP A 274 12.12 7.63 9.14
N ALA A 275 11.30 6.92 8.39
CA ALA A 275 11.70 5.82 7.53
C ALA A 275 12.77 6.19 6.51
N SER A 276 12.72 7.40 5.99
CA SER A 276 13.70 7.86 5.01
C SER A 276 15.10 7.92 5.63
N GLU A 277 15.17 8.06 6.95
CA GLU A 277 16.45 8.00 7.61
C GLU A 277 16.84 6.59 8.03
N ILE A 278 15.91 5.92 8.72
CA ILE A 278 16.23 4.59 9.22
C ILE A 278 16.49 3.62 8.08
N CYS A 279 15.64 3.65 7.06
CA CYS A 279 15.73 2.80 5.88
C CYS A 279 16.19 3.57 4.65
N LYS A 280 17.20 4.44 4.87
CA LYS A 280 17.67 5.25 3.74
C LYS A 280 18.17 4.43 2.57
N ASP A 281 18.67 3.20 2.77
CA ASP A 281 19.13 2.46 1.61
C ASP A 281 18.07 1.55 0.96
N LEU A 282 16.82 1.64 1.34
CA LEU A 282 15.71 0.85 0.85
C LEU A 282 14.63 1.72 0.23
N PRO A 283 14.01 1.18 -0.82
CA PRO A 283 12.79 1.82 -1.33
C PRO A 283 11.72 1.93 -0.26
N ILE A 284 11.13 3.12 -0.14
CA ILE A 284 10.03 3.39 0.78
C ILE A 284 8.77 3.63 -0.03
N CYS A 285 7.70 2.96 0.36
CA CYS A 285 6.42 3.00 -0.35
C CYS A 285 5.34 3.62 0.51
N ALA A 286 4.52 4.51 -0.08
CA ALA A 286 3.37 5.04 0.62
C ALA A 286 2.11 4.27 0.17
N TYR A 287 1.24 3.89 1.10
CA TYR A 287 -0.04 3.32 0.71
C TYR A 287 -1.14 4.35 0.98
N HIS A 288 -1.72 4.86 -0.10
CA HIS A 288 -2.88 5.74 -0.04
C HIS A 288 -4.16 4.91 0.20
N VAL A 289 -4.54 4.77 1.46
CA VAL A 289 -5.57 3.82 1.85
C VAL A 289 -6.98 4.30 1.54
N SER A 290 -7.91 3.35 1.64
CA SER A 290 -9.27 3.54 1.17
C SER A 290 -9.96 4.72 1.83
N GLY A 291 -9.82 4.87 3.14
CA GLY A 291 -10.37 6.04 3.81
C GLY A 291 -9.72 7.34 3.37
N GLU A 292 -8.41 7.36 3.06
CA GLU A 292 -7.80 8.63 2.65
C GLU A 292 -8.31 9.03 1.27
N TYR A 293 -8.35 8.06 0.37
CA TYR A 293 -8.75 8.22 -1.02
C TYR A 293 -10.22 8.60 -1.10
N ALA A 294 -11.01 7.96 -0.23
CA ALA A 294 -12.45 8.25 -0.19
C ALA A 294 -12.70 9.62 0.40
N MET A 295 -11.87 10.10 1.32
CA MET A 295 -11.92 11.41 1.91
C MET A 295 -11.68 12.52 0.89
N LEU A 296 -10.71 12.31 0.02
CA LEU A 296 -10.37 13.18 -1.09
C LEU A 296 -11.57 13.27 -2.04
N HIS A 297 -12.11 12.10 -2.40
CA HIS A 297 -13.30 12.11 -3.27
C HIS A 297 -14.47 12.86 -2.65
N ALA A 298 -14.77 12.62 -1.37
CA ALA A 298 -15.89 13.29 -0.73
C ALA A 298 -15.69 14.80 -0.71
N ALA A 299 -14.53 15.24 -0.24
CA ALA A 299 -14.25 16.68 -0.10
C ALA A 299 -14.34 17.36 -1.46
N ALA A 300 -13.89 16.62 -2.46
CA ALA A 300 -13.95 17.10 -3.84
C ALA A 300 -15.40 17.30 -4.25
N GLU A 301 -16.20 16.24 -4.16
CA GLU A 301 -17.57 16.45 -4.65
C GLU A 301 -18.35 17.40 -3.74
N LYS A 302 -17.83 17.72 -2.56
CA LYS A 302 -18.41 18.76 -1.71
C LYS A 302 -17.89 20.13 -2.08
N GLY A 303 -16.96 20.24 -3.04
CA GLY A 303 -16.43 21.53 -3.43
C GLY A 303 -15.30 22.07 -2.58
N VAL A 304 -14.87 21.43 -1.51
CA VAL A 304 -13.79 21.87 -0.64
C VAL A 304 -12.44 21.98 -1.35
N VAL A 305 -12.13 21.00 -2.19
CA VAL A 305 -10.93 20.94 -3.00
C VAL A 305 -11.28 20.41 -4.38
N ASP A 306 -10.37 20.52 -5.31
CA ASP A 306 -10.39 19.95 -6.65
C ASP A 306 -9.69 18.59 -6.63
N LEU A 307 -10.30 17.56 -7.21
CA LEU A 307 -9.78 16.20 -7.10
C LEU A 307 -8.38 16.02 -7.63
N LYS A 308 -8.13 16.37 -8.88
CA LYS A 308 -6.81 16.27 -9.48
C LYS A 308 -5.79 17.14 -8.75
N THR A 309 -6.18 18.34 -8.33
CA THR A 309 -5.25 19.20 -7.59
C THR A 309 -4.85 18.57 -6.26
N ILE A 310 -5.84 18.10 -5.51
CA ILE A 310 -5.48 17.57 -4.18
C ILE A 310 -4.79 16.22 -4.33
N ALA A 311 -5.05 15.50 -5.39
CA ALA A 311 -4.36 14.26 -5.73
C ALA A 311 -2.88 14.50 -5.96
N PHE A 312 -2.57 15.47 -6.82
CA PHE A 312 -1.16 15.79 -7.02
C PHE A 312 -0.54 16.34 -5.73
N GLU A 313 -1.23 17.19 -4.97
CA GLU A 313 -0.68 17.74 -3.73
C GLU A 313 -0.34 16.60 -2.75
N SER A 314 -1.30 15.72 -2.47
CA SER A 314 -1.01 14.59 -1.57
C SER A 314 0.04 13.65 -2.10
N HIS A 315 -0.01 13.28 -3.39
CA HIS A 315 0.96 12.29 -3.84
C HIS A 315 2.32 12.94 -3.94
N GLN A 316 2.37 14.25 -4.20
CA GLN A 316 3.69 14.89 -4.16
C GLN A 316 4.22 14.87 -2.71
N GLY A 317 3.31 14.98 -1.78
CA GLY A 317 3.50 14.89 -0.35
C GLY A 317 4.29 13.63 -0.02
N PHE A 318 3.86 12.47 -0.50
CA PHE A 318 4.61 11.23 -0.29
C PHE A 318 6.07 11.28 -0.72
N LEU A 319 6.36 11.79 -1.92
CA LEU A 319 7.71 11.90 -2.45
C LEU A 319 8.55 12.89 -1.63
N ARG A 320 7.95 14.01 -1.24
CA ARG A 320 8.62 14.97 -0.38
C ARG A 320 9.07 14.36 0.95
N ALA A 321 8.19 13.53 1.51
CA ALA A 321 8.46 12.86 2.78
C ALA A 321 9.44 11.71 2.64
N GLY A 322 9.88 11.31 1.45
CA GLY A 322 10.90 10.31 1.25
C GLY A 322 10.46 9.05 0.54
N ALA A 323 9.16 8.87 0.28
CA ALA A 323 8.73 7.73 -0.51
C ALA A 323 9.17 7.87 -1.96
N ARG A 324 9.43 6.75 -2.60
CA ARG A 324 9.76 6.70 -4.03
C ARG A 324 8.80 5.73 -4.75
N LEU A 325 7.90 5.13 -4.00
CA LEU A 325 6.83 4.29 -4.56
C LEU A 325 5.50 4.61 -3.92
N ILE A 326 4.42 4.39 -4.69
CA ILE A 326 3.10 4.77 -4.23
C ILE A 326 2.04 3.73 -4.61
N ILE A 327 1.46 3.11 -3.59
CA ILE A 327 0.26 2.31 -3.82
C ILE A 327 -0.96 3.18 -3.70
N THR A 328 -1.72 3.29 -4.81
CA THR A 328 -2.83 4.22 -4.83
C THR A 328 -3.95 3.79 -5.79
N TYR A 329 -5.16 4.06 -5.36
CA TYR A 329 -6.37 3.86 -6.14
C TYR A 329 -6.56 4.96 -7.19
N LEU A 330 -5.72 6.00 -7.14
CA LEU A 330 -5.78 7.00 -8.20
C LEU A 330 -4.80 6.68 -9.33
N ALA A 331 -4.22 5.48 -9.31
CA ALA A 331 -3.31 5.14 -10.40
C ALA A 331 -3.94 5.28 -11.78
N PRO A 332 -5.19 4.90 -12.04
CA PRO A 332 -5.72 5.12 -13.38
C PRO A 332 -5.69 6.61 -13.74
N GLU A 333 -6.08 7.44 -12.79
CA GLU A 333 -6.06 8.89 -13.06
C GLU A 333 -4.68 9.41 -13.35
N PHE A 334 -3.63 8.95 -12.66
CA PHE A 334 -2.30 9.50 -12.85
C PHE A 334 -1.63 9.03 -14.13
N LEU A 335 -1.93 7.81 -14.60
CA LEU A 335 -1.39 7.36 -15.88
C LEU A 335 -1.84 8.28 -17.02
N ASP A 336 -3.00 8.89 -16.86
CA ASP A 336 -3.50 9.92 -17.76
C ASP A 336 -2.81 11.26 -17.52
N TRP A 337 -2.88 11.75 -16.29
CA TRP A 337 -2.40 13.08 -15.95
C TRP A 337 -0.90 13.27 -16.17
N LEU A 338 -0.10 12.24 -15.98
CA LEU A 338 1.35 12.39 -16.10
C LEU A 338 1.80 12.56 -17.54
N ASP A 339 0.92 12.27 -18.50
CA ASP A 339 1.33 12.55 -19.88
C ASP A 339 1.44 14.06 -20.06
N GLU A 340 0.40 14.77 -19.64
CA GLU A 340 0.47 16.22 -19.59
C GLU A 340 1.55 16.64 -18.60
N GLU A 341 1.60 15.97 -17.44
CA GLU A 341 2.55 16.30 -16.39
C GLU A 341 3.21 15.08 -15.77
OXT DAV B . -6.34 0.57 1.21
OXT DAV B . -7.08 0.53 1.14
O DAV B . -8.07 0.63 2.53
O DAV B . -7.36 0.71 3.32
CB DAV B . -5.21 -1.61 2.36
CB DAV B . -5.96 -1.47 3.96
CG DAV B . -4.30 -2.42 3.22
CG DAV B . -4.83 -2.43 4.31
CD DAV B . -4.34 -3.95 3.02
CD DAV B . -5.07 -3.91 4.11
N DAV B . -3.03 -4.52 3.44
N DAV B . -3.78 -4.66 4.23
C DAV B . -6.95 0.19 2.22
C DAV B . -6.83 0.19 2.31
C1 DAV B . -6.32 -0.88 3.11
C1 DAV B . -5.81 -0.93 2.54
ZN ZN C . -4.54 -8.72 7.43
#